data_3QCL
#
_entry.id   3QCL
#
_cell.length_a   75.500
_cell.length_b   75.500
_cell.length_c   151.800
_cell.angle_alpha   90.00
_cell.angle_beta   90.00
_cell.angle_gamma   120.00
#
_symmetry.space_group_name_H-M   'P 32 2 1'
#
loop_
_entity.id
_entity.type
_entity.pdbx_description
1 polymer 'Receptor-type tyrosine-protein phosphatase gamma'
2 non-polymer '2-[(3,4-dichlorobenzyl)sulfanyl]-4-(4-hydroxybut-1-yn-1-yl)benzoic acid'
3 water water
#
_entity_poly.entity_id   1
_entity_poly.type   'polypeptide(L)'
_entity_poly.pdbx_seq_one_letter_code
;GSHMGSMEAIPVKQFVKHIGELYSNNQHGFSEDFEEVQRSTADMNITAEHSNHPENKHKNRYINILAYDHSRVKLRPLPG
KDSKHSDYINANYVDGYNKAKAYIATQGPLKSTFEDFWRMIWEQNTGIIVMITNLVEKGRRKCDQYWPTENTEEYGNIIV
TLKSTKIHACYTVRRFSIRNTKVKKGQKGNPKGRQNERVVIQYHYTQWPDMGVPEYALPVLTFVRRSSAARMPETGPVLV
HCSAGVGRTGTYIVIDSMLQQIKDKSTVNVLGFLKHIRTQRNYLVQTEEQYIFIHDALLEAILGKETEVS
;
_entity_poly.pdbx_strand_id   A
#
loop_
_chem_comp.id
_chem_comp.type
_chem_comp.name
_chem_comp.formula
NXV non-polymer '2-[(3,4-dichlorobenzyl)sulfanyl]-4-(4-hydroxybut-1-yn-1-yl)benzoic acid' 'C18 H14 Cl2 O3 S'
#
# COMPACT_ATOMS: atom_id res chain seq x y z
N MET A 7 10.09 17.59 -16.66
CA MET A 7 9.70 16.43 -15.86
C MET A 7 8.74 15.47 -16.63
N GLU A 8 9.20 15.04 -17.82
CA GLU A 8 8.50 14.09 -18.69
C GLU A 8 8.99 12.67 -18.33
N ALA A 9 8.38 11.65 -18.95
CA ALA A 9 8.73 10.25 -18.74
C ALA A 9 10.07 9.92 -19.40
N ILE A 10 10.95 9.26 -18.65
CA ILE A 10 12.26 8.83 -19.14
C ILE A 10 12.06 7.53 -19.95
N PRO A 11 12.60 7.40 -21.17
CA PRO A 11 12.47 6.13 -21.92
C PRO A 11 13.17 5.00 -21.16
N VAL A 12 12.58 3.81 -21.19
CA VAL A 12 13.08 2.62 -20.49
C VAL A 12 14.56 2.27 -20.73
N LYS A 13 15.09 2.60 -21.93
CA LYS A 13 16.47 2.35 -22.37
C LYS A 13 17.48 3.25 -21.70
N GLN A 14 17.03 4.43 -21.27
CA GLN A 14 17.86 5.45 -20.65
C GLN A 14 17.77 5.44 -19.12
N PHE A 15 16.87 4.61 -18.59
CA PHE A 15 16.56 4.52 -17.17
C PHE A 15 17.63 3.97 -16.28
N VAL A 16 18.26 2.84 -16.65
CA VAL A 16 19.36 2.25 -15.86
C VAL A 16 20.57 3.17 -15.86
N LYS A 17 20.78 3.89 -16.98
CA LYS A 17 21.83 4.90 -17.15
C LYS A 17 21.56 6.02 -16.10
N HIS A 18 20.30 6.50 -16.08
CA HIS A 18 19.79 7.53 -15.16
C HIS A 18 19.98 7.15 -13.69
N ILE A 19 19.81 5.85 -13.37
CA ILE A 19 20.03 5.33 -12.01
C ILE A 19 21.53 5.49 -11.60
N GLY A 20 22.45 5.24 -12.53
CA GLY A 20 23.88 5.46 -12.28
C GLY A 20 24.17 6.90 -11.86
N GLU A 21 23.58 7.86 -12.62
CA GLU A 21 23.71 9.29 -12.38
C GLU A 21 23.19 9.63 -11.00
N LEU A 22 21.98 9.11 -10.66
CA LEU A 22 21.33 9.38 -9.37
C LEU A 22 22.15 8.85 -8.21
N TYR A 23 22.78 7.69 -8.43
CA TYR A 23 23.60 7.02 -7.43
C TYR A 23 24.96 7.68 -7.20
N SER A 24 25.54 8.30 -8.27
CA SER A 24 26.87 8.92 -8.21
C SER A 24 26.98 10.06 -7.20
N ASN A 25 28.21 10.33 -6.73
CA ASN A 25 28.50 11.43 -5.80
C ASN A 25 27.63 11.32 -4.57
N ASN A 26 27.76 10.16 -3.90
CA ASN A 26 27.05 9.81 -2.70
C ASN A 26 25.54 10.00 -2.76
N GLN A 27 24.93 9.55 -3.88
CA GLN A 27 23.49 9.55 -4.11
C GLN A 27 22.92 11.00 -4.16
N HIS A 28 23.72 11.96 -4.68
CA HIS A 28 23.34 13.38 -4.79
C HIS A 28 22.03 13.58 -5.57
N GLY A 29 21.92 12.98 -6.76
CA GLY A 29 20.72 12.98 -7.59
C GLY A 29 19.50 12.45 -6.84
N PHE A 30 19.62 11.26 -6.20
CA PHE A 30 18.54 10.69 -5.37
C PHE A 30 18.09 11.67 -4.32
N SER A 31 19.07 12.29 -3.62
CA SER A 31 18.81 13.28 -2.58
C SER A 31 18.05 14.50 -3.08
N GLU A 32 18.41 15.00 -4.27
CA GLU A 32 17.72 16.13 -4.90
C GLU A 32 16.26 15.77 -5.20
N ASP A 33 16.05 14.62 -5.89
CA ASP A 33 14.72 14.11 -6.21
C ASP A 33 13.86 13.97 -4.98
N PHE A 34 14.36 13.28 -3.94
CA PHE A 34 13.58 13.06 -2.73
C PHE A 34 13.22 14.36 -2.02
N GLU A 35 14.13 15.35 -2.09
CA GLU A 35 13.91 16.70 -1.52
C GLU A 35 12.78 17.38 -2.29
N GLU A 36 12.77 17.24 -3.63
CA GLU A 36 11.76 17.80 -4.53
C GLU A 36 10.38 17.18 -4.20
N VAL A 37 10.36 15.85 -3.89
CA VAL A 37 9.18 15.12 -3.45
C VAL A 37 8.71 15.76 -2.11
N GLN A 38 9.61 15.91 -1.15
CA GLN A 38 9.28 16.49 0.16
C GLN A 38 8.74 17.92 0.09
N ARG A 39 9.22 18.70 -0.89
CA ARG A 39 8.79 20.06 -1.18
C ARG A 39 7.54 20.09 -2.08
N SER A 40 7.14 18.97 -2.72
CA SER A 40 5.94 18.96 -3.58
C SER A 40 4.72 19.33 -2.74
N THR A 41 4.72 18.89 -1.47
CA THR A 41 3.72 19.16 -0.44
C THR A 41 3.65 20.68 -0.11
N ALA A 42 4.81 21.40 -0.13
CA ALA A 42 4.87 22.84 0.14
C ALA A 42 3.99 23.61 -0.83
N ASP A 43 3.40 24.71 -0.34
CA ASP A 43 2.45 25.59 -1.04
C ASP A 43 1.09 24.91 -1.15
N MET A 44 0.96 23.71 -0.51
CA MET A 44 -0.26 22.92 -0.50
C MET A 44 -0.74 22.67 0.92
N ASN A 45 -1.92 23.18 1.20
CA ASN A 45 -2.60 22.94 2.45
C ASN A 45 -3.63 21.88 2.06
N ILE A 46 -3.44 20.64 2.51
CA ILE A 46 -4.37 19.55 2.25
C ILE A 46 -5.06 19.23 3.57
N THR A 47 -6.40 19.32 3.62
CA THR A 47 -7.13 19.10 4.87
C THR A 47 -7.27 17.62 5.25
N ALA A 48 -7.28 17.36 6.57
CA ALA A 48 -7.51 16.06 7.17
C ALA A 48 -8.26 16.32 8.49
N GLU A 49 -9.46 16.94 8.35
CA GLU A 49 -10.29 17.33 9.50
C GLU A 49 -10.85 16.14 10.24
N HIS A 50 -11.44 15.18 9.48
CA HIS A 50 -11.99 13.95 10.03
C HIS A 50 -10.92 13.20 10.83
N SER A 51 -9.69 13.07 10.27
CA SER A 51 -8.56 12.45 10.97
C SER A 51 -8.31 13.06 12.36
N ASN A 52 -8.37 14.40 12.46
CA ASN A 52 -8.13 15.16 13.68
C ASN A 52 -9.36 15.34 14.60
N HIS A 53 -10.51 14.72 14.27
CA HIS A 53 -11.67 14.84 15.13
C HIS A 53 -11.48 14.01 16.40
N PRO A 54 -11.78 14.58 17.60
CA PRO A 54 -11.61 13.83 18.86
C PRO A 54 -12.19 12.42 18.88
N GLU A 55 -13.32 12.23 18.19
CA GLU A 55 -14.05 10.96 18.10
C GLU A 55 -13.29 9.95 17.25
N ASN A 56 -12.43 10.44 16.35
CA ASN A 56 -11.66 9.62 15.42
C ASN A 56 -10.20 9.38 15.80
N LYS A 57 -9.69 10.13 16.78
CA LYS A 57 -8.29 10.06 17.23
C LYS A 57 -7.79 8.66 17.63
N HIS A 58 -8.64 7.87 18.31
CA HIS A 58 -8.30 6.51 18.74
C HIS A 58 -8.26 5.55 17.55
N LYS A 59 -8.78 5.98 16.38
CA LYS A 59 -8.83 5.18 15.17
C LYS A 59 -7.56 5.33 14.33
N ASN A 60 -6.62 6.21 14.76
CA ASN A 60 -5.34 6.46 14.09
C ASN A 60 -4.19 5.78 14.81
N ARG A 61 -3.41 4.94 14.09
CA ARG A 61 -2.24 4.25 14.64
C ARG A 61 -1.19 5.25 15.15
N TYR A 62 -0.89 6.26 14.34
CA TYR A 62 0.07 7.30 14.65
C TYR A 62 -0.60 8.68 14.55
N ILE A 63 -0.33 9.56 15.53
CA ILE A 63 -0.89 10.91 15.64
C ILE A 63 -0.65 11.81 14.42
N ASN A 64 0.51 11.66 13.81
CA ASN A 64 0.97 12.46 12.67
C ASN A 64 0.65 11.81 11.32
N ILE A 65 0.15 10.55 11.31
CA ILE A 65 -0.21 9.89 10.05
C ILE A 65 -1.71 9.99 9.82
N LEU A 66 -2.09 10.99 9.00
CA LEU A 66 -3.49 11.30 8.71
C LEU A 66 -3.97 10.81 7.35
N ALA A 67 -5.29 10.84 7.17
CA ALA A 67 -5.96 10.49 5.94
C ALA A 67 -6.55 11.79 5.35
N TYR A 68 -6.00 12.26 4.21
CA TYR A 68 -6.47 13.51 3.60
C TYR A 68 -7.98 13.40 3.31
N ASP A 69 -8.75 14.44 3.66
CA ASP A 69 -10.22 14.42 3.48
C ASP A 69 -10.71 14.04 2.10
N HIS A 70 -10.14 14.67 1.07
CA HIS A 70 -10.60 14.52 -0.32
C HIS A 70 -10.52 13.13 -0.90
N SER A 71 -9.50 12.36 -0.49
CA SER A 71 -9.23 11.02 -1.01
C SER A 71 -9.59 9.93 -0.01
N ARG A 72 -9.99 10.32 1.21
CA ARG A 72 -10.34 9.35 2.25
C ARG A 72 -11.43 8.33 1.89
N VAL A 73 -11.25 7.07 2.32
CA VAL A 73 -12.23 6.00 2.07
C VAL A 73 -13.31 6.17 3.12
N LYS A 74 -14.55 6.33 2.66
CA LYS A 74 -15.65 6.54 3.59
C LYS A 74 -16.36 5.24 3.84
N LEU A 75 -16.57 4.92 5.12
CA LEU A 75 -17.33 3.72 5.46
C LEU A 75 -18.79 4.14 5.37
N ARG A 76 -19.68 3.27 4.83
CA ARG A 76 -21.12 3.57 4.78
C ARG A 76 -21.60 3.93 6.18
N PRO A 77 -22.46 4.95 6.35
CA PRO A 77 -22.84 5.36 7.72
C PRO A 77 -23.60 4.32 8.56
N LEU A 78 -23.41 4.39 9.89
CA LEU A 78 -24.02 3.48 10.86
C LEU A 78 -25.02 4.17 11.82
N PRO A 79 -26.26 3.62 11.95
CA PRO A 79 -27.28 4.23 12.83
C PRO A 79 -26.90 4.57 14.28
N GLY A 80 -27.38 5.73 14.73
CA GLY A 80 -27.14 6.28 16.06
C GLY A 80 -27.27 7.80 16.07
N SER A 83 -23.58 6.85 14.92
CA SER A 83 -22.68 7.97 15.20
C SER A 83 -22.26 8.71 13.93
N LYS A 84 -21.99 10.02 14.05
CA LYS A 84 -21.58 10.87 12.93
C LYS A 84 -20.20 10.49 12.35
N HIS A 85 -19.29 10.02 13.20
CA HIS A 85 -17.91 9.66 12.83
C HIS A 85 -17.67 8.16 12.61
N SER A 86 -18.76 7.40 12.39
CA SER A 86 -18.75 5.96 12.10
C SER A 86 -18.33 5.69 10.66
N ASP A 87 -18.11 6.75 9.87
CA ASP A 87 -17.71 6.66 8.47
C ASP A 87 -16.18 6.66 8.32
N TYR A 88 -15.47 7.11 9.36
CA TYR A 88 -14.03 7.24 9.37
C TYR A 88 -13.17 5.99 9.51
N ILE A 89 -12.18 5.88 8.60
CA ILE A 89 -11.10 4.89 8.59
C ILE A 89 -9.84 5.62 8.09
N ASN A 90 -8.69 5.37 8.73
CA ASN A 90 -7.43 5.99 8.30
C ASN A 90 -6.98 5.25 7.04
N ALA A 91 -7.59 5.64 5.90
CA ALA A 91 -7.37 5.06 4.58
C ALA A 91 -7.69 6.09 3.49
N ASN A 92 -6.99 6.00 2.35
CA ASN A 92 -7.15 6.89 1.23
C ASN A 92 -7.07 6.11 -0.03
N TYR A 93 -7.87 6.53 -1.03
CA TYR A 93 -7.77 5.95 -2.37
C TYR A 93 -6.50 6.53 -3.00
N VAL A 94 -5.78 5.75 -3.77
CA VAL A 94 -4.56 6.19 -4.41
C VAL A 94 -4.62 5.72 -5.83
N ASP A 95 -4.19 6.57 -6.76
CA ASP A 95 -4.19 6.21 -8.17
C ASP A 95 -3.10 5.20 -8.46
N GLY A 96 -3.29 4.51 -9.55
CA GLY A 96 -2.35 3.58 -10.13
C GLY A 96 -2.04 4.12 -11.50
N TYR A 97 -1.36 3.34 -12.34
CA TYR A 97 -1.06 3.82 -13.67
C TYR A 97 -2.32 3.85 -14.54
N ASN A 98 -2.71 5.05 -14.99
CA ASN A 98 -3.87 5.29 -15.86
C ASN A 98 -5.19 4.68 -15.32
N LYS A 99 -5.38 4.78 -13.99
CA LYS A 99 -6.56 4.27 -13.28
C LYS A 99 -6.64 5.01 -11.96
N ALA A 100 -7.75 5.73 -11.74
CA ALA A 100 -7.98 6.44 -10.50
C ALA A 100 -8.38 5.42 -9.46
N LYS A 101 -8.13 5.73 -8.18
CA LYS A 101 -8.47 4.86 -7.03
C LYS A 101 -8.12 3.36 -7.27
N ALA A 102 -6.93 3.05 -7.87
CA ALA A 102 -6.51 1.64 -8.12
C ALA A 102 -6.17 0.91 -6.81
N TYR A 103 -5.91 1.69 -5.75
CA TYR A 103 -5.53 1.19 -4.44
C TYR A 103 -6.20 1.93 -3.38
N ILE A 104 -6.22 1.30 -2.22
CA ILE A 104 -6.58 1.85 -0.93
C ILE A 104 -5.28 1.68 -0.11
N ALA A 105 -4.68 2.79 0.28
CA ALA A 105 -3.47 2.80 1.09
C ALA A 105 -3.97 3.08 2.51
N THR A 106 -3.72 2.14 3.43
CA THR A 106 -4.20 2.28 4.81
C THR A 106 -3.20 1.84 5.83
N GLN A 107 -3.42 2.22 7.09
CA GLN A 107 -2.56 1.82 8.20
C GLN A 107 -2.84 0.36 8.54
N GLY A 108 -1.91 -0.26 9.29
CA GLY A 108 -2.08 -1.61 9.81
C GLY A 108 -3.20 -1.50 10.83
N PRO A 109 -4.31 -2.24 10.66
CA PRO A 109 -5.48 -2.02 11.53
C PRO A 109 -5.28 -2.33 13.02
N LEU A 110 -5.79 -1.45 13.86
CA LEU A 110 -5.77 -1.59 15.33
C LEU A 110 -6.84 -2.58 15.73
N LYS A 111 -6.77 -3.11 16.97
CA LYS A 111 -7.76 -4.03 17.53
C LYS A 111 -9.16 -3.41 17.43
N SER A 112 -9.27 -2.11 17.72
CA SER A 112 -10.50 -1.31 17.67
C SER A 112 -11.05 -1.02 16.24
N THR A 113 -10.19 -1.10 15.21
CA THR A 113 -10.61 -0.81 13.84
C THR A 113 -10.76 -2.04 12.97
N PHE A 114 -10.79 -3.25 13.57
CA PHE A 114 -10.92 -4.50 12.80
C PHE A 114 -12.24 -4.59 12.04
N GLU A 115 -13.33 -4.14 12.68
CA GLU A 115 -14.67 -4.16 12.10
C GLU A 115 -14.72 -3.17 10.97
N ASP A 116 -14.22 -1.96 11.22
CA ASP A 116 -14.13 -0.91 10.20
C ASP A 116 -13.34 -1.39 8.98
N PHE A 117 -12.15 -2.01 9.24
CA PHE A 117 -11.24 -2.53 8.22
C PHE A 117 -11.92 -3.52 7.33
N TRP A 118 -12.56 -4.52 7.95
CA TRP A 118 -13.24 -5.57 7.21
C TRP A 118 -14.53 -5.09 6.55
N ARG A 119 -15.20 -4.07 7.13
CA ARG A 119 -16.40 -3.49 6.52
C ARG A 119 -16.00 -2.76 5.22
N MET A 120 -14.92 -1.94 5.29
CA MET A 120 -14.35 -1.23 4.14
C MET A 120 -14.04 -2.24 3.02
N ILE A 121 -13.42 -3.37 3.36
CA ILE A 121 -13.14 -4.41 2.37
C ILE A 121 -14.41 -4.85 1.65
N TRP A 122 -15.47 -5.14 2.44
CA TRP A 122 -16.73 -5.58 1.86
C TRP A 122 -17.31 -4.49 0.97
N GLU A 123 -17.56 -3.31 1.55
CA GLU A 123 -18.15 -2.15 0.88
C GLU A 123 -17.44 -1.74 -0.40
N GLN A 124 -16.07 -1.83 -0.42
CA GLN A 124 -15.24 -1.48 -1.59
C GLN A 124 -15.05 -2.61 -2.56
N ASN A 125 -15.63 -3.79 -2.29
CA ASN A 125 -15.47 -4.95 -3.18
C ASN A 125 -13.95 -5.32 -3.34
N THR A 126 -13.15 -5.06 -2.27
CA THR A 126 -11.72 -5.38 -2.27
C THR A 126 -11.53 -6.88 -2.37
N GLY A 127 -10.68 -7.31 -3.30
CA GLY A 127 -10.39 -8.72 -3.53
C GLY A 127 -8.98 -9.15 -3.17
N ILE A 128 -8.06 -8.18 -2.95
CA ILE A 128 -6.66 -8.43 -2.64
C ILE A 128 -6.19 -7.54 -1.51
N ILE A 129 -5.47 -8.11 -0.52
CA ILE A 129 -4.82 -7.36 0.57
C ILE A 129 -3.32 -7.52 0.35
N VAL A 130 -2.58 -6.41 0.42
CA VAL A 130 -1.13 -6.45 0.30
C VAL A 130 -0.62 -5.96 1.64
N MET A 131 -0.03 -6.88 2.41
CA MET A 131 0.51 -6.58 3.74
C MET A 131 2.04 -6.52 3.65
N ILE A 132 2.62 -5.35 3.93
CA ILE A 132 4.08 -5.14 3.82
C ILE A 132 4.72 -4.82 5.15
N THR A 133 4.51 -5.69 6.11
CA THR A 133 5.04 -5.53 7.46
C THR A 133 4.90 -6.86 8.15
N ASN A 134 5.56 -6.98 9.29
CA ASN A 134 5.32 -8.13 10.16
C ASN A 134 4.52 -7.54 11.30
N LEU A 135 3.82 -8.39 12.06
CA LEU A 135 3.02 -7.91 13.19
C LEU A 135 3.91 -7.22 14.20
N VAL A 136 5.12 -7.79 14.42
CA VAL A 136 6.15 -7.29 15.34
C VAL A 136 7.45 -7.29 14.58
N GLU A 137 8.18 -6.17 14.66
CA GLU A 137 9.48 -5.99 14.01
C GLU A 137 10.45 -5.39 15.01
N LYS A 138 11.62 -6.06 15.18
CA LYS A 138 12.72 -5.65 16.09
C LYS A 138 12.16 -5.35 17.51
N GLY A 139 11.31 -6.27 17.98
CA GLY A 139 10.64 -6.17 19.27
C GLY A 139 9.59 -5.08 19.38
N ARG A 140 9.14 -4.50 18.24
CA ARG A 140 8.15 -3.44 18.24
C ARG A 140 6.87 -3.81 17.51
N ARG A 141 5.73 -3.55 18.17
CA ARG A 141 4.38 -3.81 17.66
C ARG A 141 4.12 -2.89 16.44
N LYS A 142 3.97 -3.51 15.27
CA LYS A 142 3.76 -2.76 14.04
C LYS A 142 2.32 -2.81 13.58
N CYS A 143 1.70 -4.01 13.66
CA CYS A 143 0.35 -4.26 13.18
C CYS A 143 -0.32 -5.30 14.09
N ASP A 144 -1.65 -5.19 14.33
CA ASP A 144 -2.39 -6.18 15.13
C ASP A 144 -2.96 -7.20 14.14
N GLN A 145 -3.00 -8.49 14.51
CA GLN A 145 -3.49 -9.55 13.62
C GLN A 145 -5.02 -9.48 13.41
N TYR A 146 -5.41 -9.04 12.24
CA TYR A 146 -6.79 -8.80 11.83
C TYR A 146 -7.45 -9.98 11.18
N TRP A 147 -6.73 -11.07 10.96
CA TRP A 147 -7.26 -12.25 10.29
C TRP A 147 -7.18 -13.49 11.24
N PRO A 148 -7.91 -14.61 10.99
CA PRO A 148 -7.79 -15.77 11.90
C PRO A 148 -6.51 -16.58 11.66
N THR A 149 -5.83 -16.99 12.77
CA THR A 149 -4.64 -17.86 12.75
C THR A 149 -5.06 -19.17 12.07
N GLU A 150 -6.27 -19.64 12.37
CA GLU A 150 -6.87 -20.84 11.76
C GLU A 150 -8.37 -20.76 11.71
N ASN A 151 -8.97 -21.42 10.72
CA ASN A 151 -10.42 -21.53 10.54
C ASN A 151 -11.20 -20.21 10.36
N THR A 152 -12.00 -19.83 11.37
CA THR A 152 -12.94 -18.71 11.31
C THR A 152 -12.87 -17.72 12.49
N GLU A 153 -13.08 -16.43 12.17
CA GLU A 153 -13.16 -15.35 13.15
C GLU A 153 -14.20 -14.32 12.62
N GLU A 154 -14.92 -13.68 13.55
CA GLU A 154 -15.98 -12.74 13.25
C GLU A 154 -15.58 -11.32 13.64
N TYR A 155 -15.75 -10.39 12.70
CA TYR A 155 -15.44 -8.95 12.86
C TYR A 155 -16.71 -8.26 12.39
N GLY A 156 -17.54 -7.86 13.37
CA GLY A 156 -18.85 -7.26 13.13
C GLY A 156 -19.70 -8.22 12.33
N ASN A 157 -20.09 -7.80 11.12
CA ASN A 157 -20.91 -8.62 10.23
C ASN A 157 -20.10 -9.36 9.18
N ILE A 158 -18.76 -9.25 9.28
CA ILE A 158 -17.87 -9.94 8.37
C ILE A 158 -17.21 -11.15 9.07
N ILE A 159 -17.56 -12.33 8.57
CA ILE A 159 -17.10 -13.61 9.08
C ILE A 159 -15.99 -14.05 8.14
N VAL A 160 -14.76 -14.11 8.67
CA VAL A 160 -13.56 -14.45 7.90
C VAL A 160 -13.10 -15.88 8.10
N THR A 161 -12.97 -16.62 7.00
CA THR A 161 -12.57 -18.01 7.03
C THR A 161 -11.29 -18.26 6.23
N LEU A 162 -10.22 -18.68 6.93
CA LEU A 162 -8.93 -19.04 6.33
C LEU A 162 -9.11 -20.36 5.56
N LYS A 163 -8.82 -20.37 4.26
CA LYS A 163 -9.02 -21.54 3.40
C LYS A 163 -7.74 -22.28 3.09
N SER A 164 -6.66 -21.53 2.75
CA SER A 164 -5.36 -22.08 2.45
C SER A 164 -4.25 -21.07 2.72
N THR A 165 -3.02 -21.58 2.91
CA THR A 165 -1.82 -20.80 3.17
C THR A 165 -0.67 -21.41 2.41
N LYS A 166 0.11 -20.57 1.70
CA LYS A 166 1.34 -20.96 1.06
C LYS A 166 2.40 -20.04 1.61
N ILE A 167 3.35 -20.62 2.35
CA ILE A 167 4.45 -19.88 2.99
C ILE A 167 5.70 -19.96 2.12
N HIS A 168 5.93 -18.93 1.29
CA HIS A 168 7.13 -18.88 0.47
C HIS A 168 8.29 -18.36 1.31
N ALA A 169 9.48 -18.32 0.72
CA ALA A 169 10.69 -17.80 1.35
C ALA A 169 10.54 -16.38 1.87
N CYS A 170 9.95 -15.46 1.06
CA CYS A 170 9.90 -14.04 1.46
C CYS A 170 8.54 -13.51 1.71
N TYR A 171 7.51 -14.27 1.36
CA TYR A 171 6.15 -13.80 1.50
C TYR A 171 5.18 -14.95 1.70
N THR A 172 4.02 -14.66 2.31
CA THR A 172 2.97 -15.64 2.55
C THR A 172 1.66 -15.24 1.86
N VAL A 173 1.02 -16.21 1.20
CA VAL A 173 -0.27 -16.06 0.55
C VAL A 173 -1.35 -16.79 1.36
N ARG A 174 -2.30 -16.01 1.90
CA ARG A 174 -3.43 -16.56 2.65
C ARG A 174 -4.72 -16.31 1.87
N ARG A 175 -5.41 -17.39 1.48
CA ARG A 175 -6.69 -17.36 0.76
C ARG A 175 -7.81 -17.43 1.75
N PHE A 176 -8.60 -16.36 1.84
CA PHE A 176 -9.75 -16.31 2.74
C PHE A 176 -11.06 -16.38 1.94
N SER A 177 -12.16 -16.72 2.65
CA SER A 177 -13.52 -16.68 2.15
C SER A 177 -14.25 -15.83 3.15
N ILE A 178 -14.80 -14.70 2.69
CA ILE A 178 -15.51 -13.76 3.57
C ILE A 178 -17.01 -13.73 3.31
N ARG A 179 -17.76 -13.45 4.36
CA ARG A 179 -19.21 -13.47 4.30
C ARG A 179 -19.80 -12.34 5.13
N ASN A 180 -20.87 -11.69 4.61
CA ASN A 180 -21.60 -10.66 5.34
C ASN A 180 -22.88 -11.29 5.95
N THR A 181 -23.06 -11.17 7.29
CA THR A 181 -24.24 -11.70 8.00
C THR A 181 -25.55 -10.95 7.62
N LYS A 182 -25.45 -9.66 7.23
CA LYS A 182 -26.57 -8.79 6.83
C LYS A 182 -26.93 -8.93 5.34
N VAL A 183 -26.19 -9.77 4.59
CA VAL A 183 -26.39 -10.03 3.15
C VAL A 183 -26.84 -11.50 2.97
N LYS A 184 -27.82 -11.73 2.07
CA LYS A 184 -28.45 -13.03 1.79
C LYS A 184 -27.81 -13.77 0.61
N GLN A 195 -22.82 -14.90 -3.52
CA GLN A 195 -23.64 -13.69 -3.37
C GLN A 195 -23.30 -12.90 -2.09
N ASN A 196 -23.34 -13.58 -0.94
CA ASN A 196 -22.96 -13.00 0.36
C ASN A 196 -21.55 -13.54 0.73
N GLU A 197 -20.96 -14.32 -0.19
CA GLU A 197 -19.64 -14.94 -0.08
C GLU A 197 -18.65 -14.31 -1.07
N ARG A 198 -17.42 -14.05 -0.59
CA ARG A 198 -16.35 -13.44 -1.40
C ARG A 198 -14.97 -14.01 -1.09
N VAL A 199 -14.19 -14.25 -2.14
CA VAL A 199 -12.81 -14.71 -2.04
C VAL A 199 -11.91 -13.47 -1.87
N VAL A 200 -11.10 -13.45 -0.80
CA VAL A 200 -10.15 -12.37 -0.52
C VAL A 200 -8.75 -13.00 -0.36
N ILE A 201 -7.80 -12.59 -1.22
CA ILE A 201 -6.42 -13.07 -1.13
C ILE A 201 -5.49 -12.03 -0.48
N GLN A 202 -4.73 -12.48 0.52
CA GLN A 202 -3.78 -11.67 1.24
C GLN A 202 -2.34 -12.07 0.88
N TYR A 203 -1.55 -11.11 0.37
CA TYR A 203 -0.13 -11.26 0.02
C TYR A 203 0.63 -10.56 1.13
N HIS A 204 1.30 -11.35 1.99
CA HIS A 204 2.01 -10.84 3.17
C HIS A 204 3.51 -10.94 2.96
N TYR A 205 4.22 -9.79 2.86
CA TYR A 205 5.68 -9.76 2.72
C TYR A 205 6.24 -9.92 4.11
N THR A 206 7.01 -11.01 4.33
CA THR A 206 7.47 -11.40 5.65
C THR A 206 8.95 -11.20 5.97
N GLN A 207 9.78 -11.01 4.94
CA GLN A 207 11.23 -10.90 5.10
C GLN A 207 11.68 -9.53 5.58
N TRP A 208 11.89 -9.41 6.89
CA TRP A 208 12.31 -8.19 7.57
C TRP A 208 13.50 -8.47 8.50
N PRO A 209 14.70 -8.00 8.11
CA PRO A 209 15.91 -8.30 8.92
C PRO A 209 15.93 -7.72 10.33
N ASP A 210 16.68 -8.40 11.23
CA ASP A 210 16.90 -8.02 12.63
C ASP A 210 17.67 -6.68 12.67
N MET A 211 18.63 -6.53 11.74
CA MET A 211 19.43 -5.33 11.54
C MET A 211 19.64 -5.07 10.04
N GLY A 212 19.70 -3.80 9.68
CA GLY A 212 19.80 -3.38 8.30
C GLY A 212 18.41 -3.27 7.71
N VAL A 213 18.30 -3.36 6.37
CA VAL A 213 17.02 -3.25 5.67
C VAL A 213 17.09 -3.77 4.18
N PRO A 214 15.99 -4.36 3.58
CA PRO A 214 16.06 -4.90 2.21
C PRO A 214 17.29 -4.71 1.33
N GLU A 215 18.18 -5.73 1.35
CA GLU A 215 19.43 -5.78 0.61
C GLU A 215 19.19 -6.05 -0.88
N TYR A 216 18.16 -6.86 -1.19
CA TYR A 216 17.81 -7.25 -2.57
C TYR A 216 16.39 -6.88 -2.98
N ALA A 217 16.28 -6.36 -4.19
CA ALA A 217 15.05 -5.93 -4.84
C ALA A 217 14.35 -7.06 -5.61
N LEU A 218 15.10 -8.08 -6.08
CA LEU A 218 14.51 -9.19 -6.83
C LEU A 218 13.35 -9.93 -6.12
N PRO A 219 13.44 -10.33 -4.82
CA PRO A 219 12.28 -10.99 -4.19
C PRO A 219 11.06 -10.07 -4.05
N VAL A 220 11.28 -8.76 -3.83
CA VAL A 220 10.20 -7.76 -3.73
C VAL A 220 9.50 -7.59 -5.09
N LEU A 221 10.29 -7.60 -6.17
CA LEU A 221 9.80 -7.49 -7.54
C LEU A 221 8.88 -8.68 -7.83
N THR A 222 9.28 -9.89 -7.40
CA THR A 222 8.52 -11.13 -7.55
C THR A 222 7.22 -11.01 -6.76
N PHE A 223 7.30 -10.48 -5.52
CA PHE A 223 6.15 -10.24 -4.67
C PHE A 223 5.17 -9.27 -5.35
N VAL A 224 5.68 -8.19 -5.96
CA VAL A 224 4.87 -7.19 -6.66
C VAL A 224 4.15 -7.81 -7.87
N ARG A 225 4.90 -8.52 -8.73
CA ARG A 225 4.37 -9.16 -9.94
C ARG A 225 3.28 -10.16 -9.63
N ARG A 226 3.49 -10.99 -8.62
CA ARG A 226 2.53 -12.02 -8.24
C ARG A 226 1.30 -11.46 -7.56
N SER A 227 1.47 -10.51 -6.65
CA SER A 227 0.33 -9.90 -5.96
C SER A 227 -0.50 -9.05 -6.92
N SER A 228 0.16 -8.41 -7.90
CA SER A 228 -0.47 -7.56 -8.92
C SER A 228 -1.25 -8.39 -9.94
N ALA A 229 -0.70 -9.51 -10.43
CA ALA A 229 -1.36 -10.38 -11.40
C ALA A 229 -2.60 -11.11 -10.81
N ALA A 230 -2.67 -11.21 -9.47
CA ALA A 230 -3.78 -11.81 -8.75
C ALA A 230 -5.02 -10.90 -8.77
N ARG A 231 -4.86 -9.60 -9.16
CA ARG A 231 -5.99 -8.64 -9.26
C ARG A 231 -7.04 -9.20 -10.23
N MET A 232 -8.30 -9.19 -9.81
CA MET A 232 -9.41 -9.70 -10.60
C MET A 232 -10.23 -8.58 -11.22
N PRO A 233 -10.52 -8.65 -12.54
CA PRO A 233 -11.42 -7.65 -13.13
C PRO A 233 -12.88 -8.04 -12.79
N GLU A 234 -13.77 -7.11 -12.41
CA GLU A 234 -13.53 -5.68 -12.23
C GLU A 234 -13.86 -5.44 -10.75
N THR A 235 -13.02 -6.00 -9.88
CA THR A 235 -13.18 -5.87 -8.43
C THR A 235 -12.78 -4.47 -7.98
N GLY A 236 -12.96 -4.21 -6.70
CA GLY A 236 -12.58 -2.93 -6.12
C GLY A 236 -11.08 -2.68 -6.06
N PRO A 237 -10.68 -1.59 -5.39
CA PRO A 237 -9.25 -1.27 -5.28
C PRO A 237 -8.45 -2.27 -4.45
N VAL A 238 -7.16 -2.44 -4.78
CA VAL A 238 -6.26 -3.33 -4.03
C VAL A 238 -5.89 -2.62 -2.75
N LEU A 239 -6.13 -3.27 -1.60
CA LEU A 239 -5.79 -2.67 -0.31
C LEU A 239 -4.30 -3.00 0.01
N VAL A 240 -3.52 -1.95 0.28
CA VAL A 240 -2.10 -2.01 0.55
C VAL A 240 -1.88 -1.35 1.88
N HIS A 241 -1.21 -2.08 2.79
CA HIS A 241 -0.92 -1.53 4.13
C HIS A 241 0.43 -2.02 4.65
N CYS A 242 1.02 -1.26 5.55
CA CYS A 242 2.22 -1.66 6.28
C CYS A 242 1.89 -1.33 7.75
N SER A 243 2.67 -0.48 8.44
CA SER A 243 2.30 -0.12 9.81
C SER A 243 1.51 1.20 9.76
N ALA A 244 2.17 2.30 9.30
CA ALA A 244 1.54 3.61 9.14
C ALA A 244 0.74 3.62 7.83
N GLY A 245 1.17 2.81 6.87
CA GLY A 245 0.53 2.72 5.56
C GLY A 245 0.96 3.83 4.62
N VAL A 246 2.21 4.30 4.80
CA VAL A 246 2.79 5.37 3.96
C VAL A 246 4.11 4.98 3.27
N GLY A 247 5.08 4.48 4.05
CA GLY A 247 6.42 4.13 3.58
C GLY A 247 6.50 3.05 2.54
N ARG A 248 6.32 1.79 3.01
CA ARG A 248 6.36 0.60 2.16
C ARG A 248 5.15 0.54 1.24
N THR A 249 3.99 1.08 1.70
CA THR A 249 2.76 1.17 0.89
C THR A 249 3.02 2.01 -0.36
N GLY A 250 3.60 3.18 -0.16
CA GLY A 250 3.97 4.10 -1.24
C GLY A 250 4.93 3.44 -2.19
N THR A 251 5.94 2.72 -1.61
CA THR A 251 6.98 1.99 -2.34
C THR A 251 6.36 0.95 -3.23
N TYR A 252 5.40 0.18 -2.70
CA TYR A 252 4.69 -0.83 -3.50
C TYR A 252 3.90 -0.17 -4.66
N ILE A 253 3.10 0.84 -4.34
CA ILE A 253 2.26 1.54 -5.32
C ILE A 253 3.09 2.06 -6.50
N VAL A 254 4.22 2.74 -6.21
CA VAL A 254 5.12 3.25 -7.26
C VAL A 254 5.70 2.10 -8.09
N ILE A 255 6.24 1.05 -7.42
CA ILE A 255 6.83 -0.05 -8.17
C ILE A 255 5.81 -0.67 -9.11
N ASP A 256 4.65 -1.03 -8.57
CA ASP A 256 3.57 -1.63 -9.33
C ASP A 256 3.13 -0.71 -10.51
N SER A 257 2.84 0.57 -10.22
CA SER A 257 2.41 1.51 -11.26
C SER A 257 3.46 1.69 -12.36
N MET A 258 4.74 1.81 -11.98
CA MET A 258 5.81 1.97 -12.94
C MET A 258 6.04 0.74 -13.80
N LEU A 259 5.76 -0.44 -13.26
CA LEU A 259 5.87 -1.67 -14.06
C LEU A 259 4.82 -1.61 -15.16
N GLN A 260 3.56 -1.21 -14.81
CA GLN A 260 2.44 -1.04 -15.75
C GLN A 260 2.78 -0.04 -16.83
N GLN A 261 3.35 1.12 -16.43
CA GLN A 261 3.79 2.14 -17.37
C GLN A 261 4.84 1.60 -18.32
N ILE A 262 5.82 0.84 -17.78
CA ILE A 262 6.87 0.24 -18.61
C ILE A 262 6.21 -0.65 -19.65
N LYS A 263 5.34 -1.58 -19.23
CA LYS A 263 4.64 -2.51 -20.11
C LYS A 263 3.85 -1.80 -21.22
N ASP A 264 3.09 -0.75 -20.87
CA ASP A 264 2.25 -0.02 -21.79
C ASP A 264 3.00 0.90 -22.77
N LYS A 265 3.87 1.78 -22.28
CA LYS A 265 4.55 2.72 -23.18
C LYS A 265 6.06 2.82 -23.09
N SER A 266 6.70 1.81 -22.46
CA SER A 266 8.16 1.69 -22.33
C SER A 266 8.84 2.95 -21.74
N THR A 267 8.13 3.62 -20.83
CA THR A 267 8.64 4.81 -20.17
C THR A 267 8.47 4.69 -18.66
N VAL A 268 9.22 5.50 -17.89
CA VAL A 268 9.16 5.49 -16.44
C VAL A 268 9.01 6.93 -15.98
N ASN A 269 8.15 7.17 -14.99
CA ASN A 269 8.01 8.51 -14.41
C ASN A 269 7.88 8.41 -12.90
N VAL A 270 8.98 8.03 -12.23
CA VAL A 270 8.97 7.83 -10.78
C VAL A 270 8.68 9.14 -10.06
N LEU A 271 9.46 10.19 -10.35
CA LEU A 271 9.34 11.49 -9.71
C LEU A 271 7.96 12.15 -9.86
N GLY A 272 7.45 12.16 -11.10
CA GLY A 272 6.14 12.73 -11.43
C GLY A 272 4.99 12.00 -10.77
N PHE A 273 4.98 10.67 -10.88
CA PHE A 273 3.95 9.84 -10.27
C PHE A 273 3.97 9.95 -8.74
N LEU A 274 5.16 9.92 -8.15
CA LEU A 274 5.26 10.04 -6.70
C LEU A 274 4.78 11.40 -6.21
N LYS A 275 5.13 12.48 -6.92
CA LYS A 275 4.66 13.81 -6.52
C LYS A 275 3.12 13.90 -6.53
N HIS A 276 2.48 13.17 -7.48
CA HIS A 276 1.04 13.11 -7.66
C HIS A 276 0.36 12.31 -6.53
N ILE A 277 0.78 11.07 -6.30
CA ILE A 277 0.21 10.28 -5.20
C ILE A 277 0.42 10.89 -3.80
N ARG A 278 1.47 11.73 -3.63
CA ARG A 278 1.71 12.42 -2.35
C ARG A 278 0.59 13.41 -1.98
N THR A 279 -0.24 13.83 -2.98
CA THR A 279 -1.40 14.69 -2.74
C THR A 279 -2.58 13.83 -2.24
N GLN A 280 -2.54 12.50 -2.54
CA GLN A 280 -3.58 11.50 -2.21
C GLN A 280 -3.48 10.84 -0.82
N ARG A 281 -2.27 10.68 -0.27
CA ARG A 281 -2.01 10.18 1.09
C ARG A 281 -0.69 10.76 1.53
N ASN A 282 -0.67 11.38 2.72
CA ASN A 282 0.57 12.01 3.21
C ASN A 282 1.76 11.03 3.28
N TYR A 283 2.95 11.50 2.91
CA TYR A 283 4.20 10.75 3.01
C TYR A 283 4.34 9.46 2.23
N LEU A 284 3.47 9.12 1.25
CA LEU A 284 3.71 7.89 0.49
C LEU A 284 5.16 7.89 0.02
N VAL A 285 5.92 6.80 0.32
CA VAL A 285 7.39 6.70 0.09
C VAL A 285 8.00 7.66 1.11
N GLN A 286 8.20 7.19 2.34
CA GLN A 286 8.61 8.01 3.48
C GLN A 286 10.09 8.39 3.54
N THR A 287 10.98 7.58 2.93
CA THR A 287 12.42 7.83 3.00
C THR A 287 13.11 7.78 1.67
N GLU A 288 14.28 8.42 1.61
CA GLU A 288 15.16 8.40 0.44
C GLU A 288 15.57 6.96 0.12
N GLU A 289 15.77 6.15 1.16
CA GLU A 289 16.15 4.76 1.05
C GLU A 289 15.07 3.98 0.29
N GLN A 290 13.79 4.22 0.63
CA GLN A 290 12.66 3.59 -0.06
C GLN A 290 12.59 4.10 -1.49
N TYR A 291 12.85 5.41 -1.69
CA TYR A 291 12.88 6.07 -3.00
C TYR A 291 13.95 5.39 -3.89
N ILE A 292 15.14 5.15 -3.32
CA ILE A 292 16.22 4.46 -4.04
C ILE A 292 15.77 3.02 -4.34
N PHE A 293 15.16 2.35 -3.35
CA PHE A 293 14.66 0.98 -3.51
C PHE A 293 13.71 0.81 -4.68
N ILE A 294 12.84 1.81 -4.95
CA ILE A 294 11.93 1.81 -6.11
C ILE A 294 12.74 1.63 -7.38
N HIS A 295 13.80 2.41 -7.49
CA HIS A 295 14.72 2.41 -8.63
C HIS A 295 15.40 1.04 -8.86
N ASP A 296 15.91 0.40 -7.79
CA ASP A 296 16.53 -0.94 -7.83
C ASP A 296 15.55 -2.02 -8.33
N ALA A 297 14.30 -2.00 -7.82
CA ALA A 297 13.27 -2.96 -8.23
C ALA A 297 13.05 -2.84 -9.73
N LEU A 298 12.91 -1.58 -10.23
CA LEU A 298 12.69 -1.30 -11.64
C LEU A 298 13.90 -1.67 -12.50
N LEU A 299 15.11 -1.37 -12.01
CA LEU A 299 16.38 -1.75 -12.65
C LEU A 299 16.38 -3.28 -12.87
N GLU A 300 16.00 -4.06 -11.84
CA GLU A 300 15.92 -5.52 -11.88
C GLU A 300 14.91 -5.98 -12.89
N ALA A 301 13.78 -5.28 -12.99
CA ALA A 301 12.75 -5.60 -13.97
C ALA A 301 13.25 -5.33 -15.38
N ILE A 302 13.94 -4.19 -15.58
CA ILE A 302 14.44 -3.81 -16.92
C ILE A 302 15.54 -4.77 -17.38
N LEU A 303 16.56 -4.97 -16.54
CA LEU A 303 17.69 -5.84 -16.85
C LEU A 303 17.26 -7.30 -17.00
N GLY A 304 16.22 -7.69 -16.27
CA GLY A 304 15.64 -9.03 -16.28
C GLY A 304 15.10 -9.42 -17.64
N LYS A 305 14.52 -8.44 -18.37
CA LYS A 305 14.01 -8.61 -19.73
C LYS A 305 15.22 -8.65 -20.69
N GLU A 306 15.29 -9.69 -21.56
CA GLU A 306 16.36 -9.95 -22.55
C GLU A 306 17.73 -10.40 -21.96
N THR A 307 17.81 -10.57 -20.62
CA THR A 307 19.00 -11.04 -19.90
C THR A 307 18.61 -11.71 -18.57
C1 NXV B . 14.84 0.08 2.00
C2 NXV B . 14.94 0.73 3.25
C3 NXV B . 13.91 0.66 4.22
C4 NXV B . 12.74 -0.03 3.89
C5 NXV B . 12.64 -0.67 2.63
C6 NXV B . 13.67 -0.59 1.65
C7 NXV B . 15.91 0.19 1.05
C8 NXV B . 16.78 0.29 0.27
C9 NXV B . 17.87 0.46 -0.70
S10 NXV B . 11.15 -1.50 2.22
C11 NXV B . 11.58 -2.52 0.86
C12 NXV B . 10.36 -3.25 0.47
C13 NXV B . 10.15 -4.52 1.01
C14 NXV B . 9.01 -5.24 0.68
C15 NXV B . 8.13 -4.69 -0.24
C16 NXV B . 8.37 -3.39 -0.78
C17 NXV B . 9.49 -2.66 -0.43
CL18 NXV B . 7.25 -2.74 -1.91
CL19 NXV B . 6.75 -5.61 -0.79
C20 NXV B . 11.68 -0.18 4.87
O21 NXV B . 11.55 -1.29 5.34
O22 NXV B . 10.90 0.81 5.21
C23 NXV B . 18.34 1.88 -0.65
O24 NXV B . 19.51 1.97 0.18
#